data_7LK3
#
_entry.id   7LK3
#
_cell.length_a   28.402
_cell.length_b   58.700
_cell.length_c   67.997
_cell.angle_alpha   90.000
_cell.angle_beta   98.270
_cell.angle_gamma   90.000
#
_symmetry.space_group_name_H-M   'P 1 21 1'
#
loop_
_entity.id
_entity.type
_entity.pdbx_description
1 polymer 'Gamma-aminobutyric acid receptor-associated protein-like 2'
2 non-polymer 1,2-ETHANEDIOL
3 water water
#
_entity_poly.entity_id   1
_entity_poly.type   'polypeptide(L)'
_entity_poly.pdbx_seq_one_letter_code
;GAMSMKWMFKEDHSLEHRCVESAKIRAKYPDRVPVIVEKVSGSQIVDIDKRKYLVPSDITVAQFMWIIRKRIQLPSEKAI
FLFVDKTVPQSSLTMGQLYEKEKDEDGFLYVAYSGENTFGF
;
_entity_poly.pdbx_strand_id   A,B
#
loop_
_chem_comp.id
_chem_comp.type
_chem_comp.name
_chem_comp.formula
EDO non-polymer 1,2-ETHANEDIOL 'C2 H6 O2'
#
# COMPACT_ATOMS: atom_id res chain seq x y z
N SER A 4 9.94 14.35 11.70
CA SER A 4 9.48 15.30 10.68
C SER A 4 8.71 14.60 9.58
N MET A 5 8.03 15.39 8.76
CA MET A 5 7.43 14.91 7.52
C MET A 5 8.42 15.10 6.39
N LYS A 6 8.76 14.01 5.71
CA LYS A 6 9.63 14.03 4.54
C LYS A 6 8.77 13.69 3.33
N TRP A 7 8.63 14.64 2.40
CA TRP A 7 7.71 14.52 1.28
C TRP A 7 8.44 13.99 0.05
N MET A 8 8.02 12.83 -0.45
CA MET A 8 8.66 12.28 -1.65
C MET A 8 8.48 13.21 -2.84
N PHE A 9 7.35 13.90 -2.93
CA PHE A 9 7.14 14.85 -4.02
C PHE A 9 8.26 15.89 -4.06
N LYS A 10 8.65 16.41 -2.90
CA LYS A 10 9.70 17.41 -2.85
C LYS A 10 11.08 16.79 -3.09
N GLU A 11 11.24 15.50 -2.79
CA GLU A 11 12.50 14.83 -3.10
C GLU A 11 12.61 14.45 -4.57
N ASP A 12 11.47 14.29 -5.25
CA ASP A 12 11.45 13.94 -6.66
C ASP A 12 11.51 15.15 -7.59
N HIS A 13 11.21 16.35 -7.08
CA HIS A 13 11.13 17.54 -7.93
C HIS A 13 11.71 18.73 -7.21
N SER A 14 12.53 19.51 -7.92
CA SER A 14 13.09 20.73 -7.38
C SER A 14 11.98 21.72 -7.01
N LEU A 15 12.33 22.67 -6.14
CA LEU A 15 11.42 23.76 -5.80
C LEU A 15 10.95 24.49 -7.04
N GLU A 16 11.85 24.76 -7.98
CA GLU A 16 11.47 25.53 -9.16
C GLU A 16 10.54 24.73 -10.07
N HIS A 17 10.82 23.43 -10.26
CA HIS A 17 9.90 22.57 -10.97
C HIS A 17 8.50 22.68 -10.40
N ARG A 18 8.37 22.54 -9.07
CA ARG A 18 7.05 22.56 -8.45
C ARG A 18 6.40 23.94 -8.57
N CYS A 19 7.19 25.01 -8.36
CA CYS A 19 6.67 26.35 -8.55
C CYS A 19 6.06 26.52 -9.94
N VAL A 20 6.79 26.08 -10.97
CA VAL A 20 6.31 26.28 -12.33
C VAL A 20 5.07 25.43 -12.59
N GLU A 21 5.08 24.18 -12.15
CA GLU A 21 3.97 23.28 -12.43
C GLU A 21 2.71 23.70 -11.68
N SER A 22 2.83 24.07 -10.41
CA SER A 22 1.67 24.55 -9.68
C SER A 22 1.07 25.78 -10.37
N ALA A 23 1.92 26.75 -10.73
CA ALA A 23 1.43 27.94 -11.41
C ALA A 23 0.74 27.59 -12.71
N LYS A 24 1.22 26.57 -13.41
CA LYS A 24 0.66 26.18 -14.70
C LYS A 24 -0.78 25.68 -14.54
N ILE A 25 -1.02 24.79 -13.58
CA ILE A 25 -2.36 24.25 -13.41
C ILE A 25 -3.32 25.31 -12.89
N ARG A 26 -2.83 26.16 -11.99
CA ARG A 26 -3.68 27.20 -11.43
C ARG A 26 -4.10 28.20 -12.51
N ALA A 27 -3.20 28.47 -13.46
CA ALA A 27 -3.56 29.31 -14.60
C ALA A 27 -4.53 28.60 -15.53
N LYS A 28 -4.37 27.27 -15.70
CA LYS A 28 -5.26 26.54 -16.60
C LYS A 28 -6.59 26.20 -15.94
N TYR A 29 -6.59 25.98 -14.63
CA TYR A 29 -7.77 25.56 -13.88
C TYR A 29 -7.84 26.43 -12.63
N PRO A 30 -8.35 27.66 -12.78
CA PRO A 30 -8.30 28.60 -11.65
C PRO A 30 -9.23 28.25 -10.51
N ASP A 31 -10.23 27.40 -10.72
CA ASP A 31 -11.15 27.01 -9.66
C ASP A 31 -10.80 25.67 -9.04
N ARG A 32 -9.58 25.17 -9.27
CA ARG A 32 -9.13 23.91 -8.71
C ARG A 32 -7.81 24.12 -7.98
N VAL A 33 -7.57 23.30 -6.97
CA VAL A 33 -6.39 23.41 -6.11
C VAL A 33 -5.57 22.14 -6.25
N PRO A 34 -4.25 22.24 -6.47
CA PRO A 34 -3.41 21.03 -6.57
C PRO A 34 -2.96 20.60 -5.17
N VAL A 35 -3.22 19.34 -4.85
CA VAL A 35 -2.95 18.80 -3.53
C VAL A 35 -2.02 17.61 -3.63
N ILE A 36 -1.02 17.58 -2.76
CA ILE A 36 -0.13 16.43 -2.57
C ILE A 36 -0.53 15.75 -1.27
N VAL A 37 -0.75 14.44 -1.32
CA VAL A 37 -1.23 13.67 -0.18
C VAL A 37 -0.25 12.55 0.11
N GLU A 38 0.26 12.51 1.34
CA GLU A 38 1.20 11.47 1.75
C GLU A 38 0.89 11.05 3.19
N LYS A 39 1.24 9.80 3.50
CA LYS A 39 0.95 9.24 4.82
C LYS A 39 1.99 9.68 5.84
N VAL A 40 1.54 9.91 7.08
CA VAL A 40 2.46 10.24 8.15
C VAL A 40 3.29 9.01 8.50
N SER A 41 4.61 9.20 8.61
CA SER A 41 5.53 8.08 8.82
C SER A 41 5.22 7.35 10.12
N GLY A 42 5.18 6.02 10.03
CA GLY A 42 4.90 5.18 11.17
C GLY A 42 3.44 5.04 11.51
N SER A 43 2.55 5.75 10.84
CA SER A 43 1.17 5.74 11.24
C SER A 43 0.57 4.35 11.06
N GLN A 44 -0.44 4.07 11.87
CA GLN A 44 -1.18 2.80 11.80
C GLN A 44 -2.26 2.90 10.72
N ILE A 45 -1.82 3.13 9.49
CA ILE A 45 -2.73 3.32 8.38
C ILE A 45 -2.04 2.84 7.10
N VAL A 46 -2.86 2.40 6.14
CA VAL A 46 -2.33 1.92 4.87
C VAL A 46 -1.80 3.10 4.07
N ASP A 47 -0.74 2.86 3.29
CA ASP A 47 -0.25 3.86 2.36
C ASP A 47 -1.22 4.03 1.20
N ILE A 48 -1.17 5.19 0.56
CA ILE A 48 -2.12 5.55 -0.48
C ILE A 48 -1.47 5.37 -1.85
N ASP A 49 -2.26 4.92 -2.82
CA ASP A 49 -1.72 4.67 -4.16
C ASP A 49 -1.67 5.94 -5.00
N LYS A 50 -2.60 6.86 -4.79
CA LYS A 50 -2.66 8.12 -5.54
C LYS A 50 -2.20 9.26 -4.65
N ARG A 51 -1.10 9.91 -5.03
CA ARG A 51 -0.53 10.98 -4.24
C ARG A 51 -0.98 12.38 -4.69
N LYS A 52 -1.35 12.56 -5.95
CA LYS A 52 -1.61 13.87 -6.50
C LYS A 52 -3.10 14.03 -6.79
N TYR A 53 -3.65 15.18 -6.41
CA TYR A 53 -5.06 15.47 -6.57
C TYR A 53 -5.22 16.90 -7.10
N LEU A 54 -6.10 17.06 -8.07
CA LEU A 54 -6.55 18.37 -8.53
C LEU A 54 -8.03 18.43 -8.18
N VAL A 55 -8.36 19.11 -7.08
CA VAL A 55 -9.72 19.06 -6.58
C VAL A 55 -10.37 20.44 -6.67
N PRO A 56 -11.68 20.49 -6.95
CA PRO A 56 -12.36 21.78 -7.01
C PRO A 56 -12.26 22.50 -5.68
N SER A 57 -12.15 23.83 -5.74
CA SER A 57 -12.10 24.59 -4.50
C SER A 57 -13.40 24.53 -3.72
N ASP A 58 -14.49 24.04 -4.32
CA ASP A 58 -15.79 24.08 -3.68
C ASP A 58 -16.08 22.88 -2.78
N ILE A 59 -15.23 21.87 -2.77
CA ILE A 59 -15.46 20.76 -1.86
C ILE A 59 -14.86 21.10 -0.52
N THR A 60 -15.48 20.59 0.53
CA THR A 60 -15.02 20.86 1.88
C THR A 60 -13.90 19.90 2.26
N VAL A 61 -13.22 20.23 3.37
CA VAL A 61 -12.20 19.35 3.91
C VAL A 61 -12.79 17.99 4.24
N ALA A 62 -13.96 17.98 4.87
CA ALA A 62 -14.64 16.71 5.14
C ALA A 62 -14.83 15.91 3.86
N GLN A 63 -15.23 16.57 2.78
CA GLN A 63 -15.41 15.86 1.52
C GLN A 63 -14.08 15.30 1.01
N PHE A 64 -13.00 16.09 1.11
CA PHE A 64 -11.71 15.58 0.69
C PHE A 64 -11.29 14.37 1.54
N MET A 65 -11.54 14.44 2.85
CA MET A 65 -11.29 13.27 3.70
C MET A 65 -12.03 12.05 3.19
N TRP A 66 -13.29 12.22 2.78
CA TRP A 66 -14.06 11.10 2.25
C TRP A 66 -13.38 10.51 1.02
N ILE A 67 -12.89 11.38 0.12
CA ILE A 67 -12.17 10.91 -1.06
C ILE A 67 -10.97 10.07 -0.66
N ILE A 68 -10.20 10.55 0.32
CA ILE A 68 -9.02 9.81 0.76
C ILE A 68 -9.43 8.48 1.38
N ARG A 69 -10.33 8.53 2.37
CA ARG A 69 -10.85 7.32 2.98
C ARG A 69 -11.22 6.28 1.93
N LYS A 70 -11.95 6.71 0.90
CA LYS A 70 -12.38 5.78 -0.14
C LYS A 70 -11.18 5.24 -0.92
N ARG A 71 -10.21 6.10 -1.22
CA ARG A 71 -9.00 5.65 -1.92
C ARG A 71 -8.28 4.55 -1.16
N ILE A 72 -8.17 4.69 0.16
CA ILE A 72 -7.38 3.73 0.94
C ILE A 72 -8.28 2.64 1.51
N GLN A 73 -9.56 2.66 1.13
CA GLN A 73 -10.51 1.62 1.58
C GLN A 73 -10.55 1.53 3.11
N LEU A 74 -10.53 2.67 3.77
CA LEU A 74 -10.55 2.69 5.22
C LEU A 74 -11.95 2.36 5.72
N PRO A 75 -12.11 1.36 6.60
CA PRO A 75 -13.44 1.07 7.14
C PRO A 75 -14.03 2.28 7.84
N SER A 76 -15.37 2.39 7.74
CA SER A 76 -16.06 3.55 8.29
C SER A 76 -15.79 3.74 9.78
N GLU A 77 -15.78 2.64 10.53
CA GLU A 77 -15.56 2.69 11.97
C GLU A 77 -14.14 3.10 12.34
N LYS A 78 -13.25 3.18 11.35
CA LYS A 78 -11.84 3.48 11.60
C LYS A 78 -11.58 4.94 11.25
N ALA A 79 -10.91 5.65 12.15
CA ALA A 79 -10.75 7.09 12.03
C ALA A 79 -9.59 7.45 11.09
N ILE A 80 -9.67 8.65 10.53
CA ILE A 80 -8.60 9.23 9.72
C ILE A 80 -8.45 10.69 10.12
N PHE A 81 -7.22 11.17 10.13
CA PHE A 81 -6.91 12.56 10.44
C PHE A 81 -6.05 13.15 9.32
N LEU A 82 -6.40 14.36 8.91
CA LEU A 82 -5.57 15.12 7.98
C LEU A 82 -4.72 16.13 8.75
N PHE A 83 -3.52 16.39 8.23
CA PHE A 83 -2.61 17.36 8.82
C PHE A 83 -2.08 18.27 7.72
N VAL A 84 -2.21 19.57 7.91
CA VAL A 84 -1.58 20.57 7.06
C VAL A 84 -0.68 21.41 7.95
N ASP A 85 0.62 21.39 7.67
CA ASP A 85 1.60 22.07 8.52
C ASP A 85 1.37 21.73 9.99
N LYS A 86 1.23 20.43 10.25
CA LYS A 86 1.21 19.85 11.60
C LYS A 86 -0.04 20.18 12.41
N THR A 87 -1.08 20.75 11.82
CA THR A 87 -2.35 20.94 12.50
C THR A 87 -3.47 20.30 11.71
N VAL A 88 -4.46 19.75 12.43
CA VAL A 88 -5.65 19.18 11.80
C VAL A 88 -6.55 20.32 11.35
N PRO A 89 -6.85 20.42 10.05
CA PRO A 89 -7.73 21.50 9.58
C PRO A 89 -9.18 21.24 9.94
N GLN A 90 -9.93 22.34 10.06
CA GLN A 90 -11.35 22.24 10.37
C GLN A 90 -12.13 21.72 9.16
N SER A 91 -12.96 20.71 9.40
CA SER A 91 -13.62 19.99 8.32
C SER A 91 -14.58 20.86 7.52
N SER A 92 -15.07 21.96 8.10
CA SER A 92 -16.05 22.76 7.38
C SER A 92 -15.41 23.68 6.34
N LEU A 93 -14.10 23.92 6.42
CA LEU A 93 -13.44 24.77 5.44
C LEU A 93 -13.57 24.18 4.05
N THR A 94 -13.67 25.06 3.05
CA THR A 94 -13.51 24.62 1.68
C THR A 94 -12.04 24.38 1.39
N MET A 95 -11.77 23.51 0.41
CA MET A 95 -10.38 23.29 0.00
C MET A 95 -9.77 24.57 -0.55
N GLY A 96 -10.59 25.47 -1.09
CA GLY A 96 -10.09 26.75 -1.53
C GLY A 96 -9.62 27.62 -0.37
N GLN A 97 -10.39 27.64 0.72
CA GLN A 97 -9.96 28.37 1.90
C GLN A 97 -8.69 27.78 2.49
N LEU A 98 -8.66 26.45 2.64
CA LEU A 98 -7.44 25.79 3.13
C LEU A 98 -6.24 26.17 2.26
N TYR A 99 -6.41 26.12 0.94
CA TYR A 99 -5.31 26.41 0.04
C TYR A 99 -4.75 27.82 0.27
N GLU A 100 -5.63 28.82 0.36
CA GLU A 100 -5.15 30.18 0.55
C GLU A 100 -4.47 30.36 1.89
N LYS A 101 -4.89 29.61 2.91
CA LYS A 101 -4.32 29.77 4.25
C LYS A 101 -3.09 28.91 4.48
N GLU A 102 -2.93 27.79 3.77
CA GLU A 102 -1.88 26.83 4.06
C GLU A 102 -1.00 26.44 2.88
N LYS A 103 -1.20 27.03 1.70
CA LYS A 103 -0.44 26.59 0.53
C LYS A 103 1.06 26.74 0.78
N ASP A 104 1.83 25.81 0.20
CA ASP A 104 3.28 25.82 0.29
C ASP A 104 3.84 27.04 -0.44
N GLU A 105 5.13 27.31 -0.20
CA GLU A 105 5.83 28.30 -1.01
C GLU A 105 5.79 27.91 -2.49
N ASP A 106 5.67 26.62 -2.79
CA ASP A 106 5.75 26.18 -4.18
C ASP A 106 4.40 26.16 -4.89
N GLY A 107 3.32 26.58 -4.22
CA GLY A 107 2.02 26.64 -4.84
C GLY A 107 1.17 25.40 -4.71
N PHE A 108 1.72 24.32 -4.17
CA PHE A 108 0.95 23.13 -3.86
C PHE A 108 0.45 23.19 -2.42
N LEU A 109 -0.64 22.47 -2.18
CA LEU A 109 -1.15 22.24 -0.84
C LEU A 109 -0.74 20.83 -0.42
N TYR A 110 -0.01 20.74 0.70
CA TYR A 110 0.48 19.45 1.19
C TYR A 110 -0.39 18.98 2.35
N VAL A 111 -1.02 17.83 2.16
CA VAL A 111 -1.93 17.25 3.15
C VAL A 111 -1.40 15.87 3.53
N ALA A 112 -1.06 15.71 4.80
CA ALA A 112 -0.67 14.40 5.32
C ALA A 112 -1.87 13.76 6.02
N TYR A 113 -1.91 12.44 6.03
CA TYR A 113 -3.02 11.71 6.64
C TYR A 113 -2.48 10.63 7.56
N SER A 114 -3.26 10.31 8.59
CA SER A 114 -2.86 9.34 9.60
C SER A 114 -4.11 8.75 10.25
N GLY A 115 -3.93 7.57 10.84
CA GLY A 115 -4.98 6.97 11.63
C GLY A 115 -5.04 7.45 13.06
N GLU A 116 -4.11 8.31 13.47
CA GLU A 116 -4.10 8.88 14.80
C GLU A 116 -3.71 10.34 14.68
N ASN A 117 -4.00 11.12 15.72
CA ASN A 117 -3.64 12.53 15.74
C ASN A 117 -2.54 12.81 16.76
N THR A 118 -1.68 11.84 17.00
CA THR A 118 -0.52 12.03 17.87
C THR A 118 0.58 12.82 17.18
N PHE A 119 0.54 12.93 15.85
CA PHE A 119 1.62 13.56 15.10
C PHE A 119 1.74 15.04 15.43
N GLY A 120 0.65 15.78 15.35
CA GLY A 120 0.72 17.20 15.54
C GLY A 120 -0.37 17.75 16.43
N PHE A 121 -0.89 18.92 16.06
CA PHE A 121 -1.89 19.60 16.84
C PHE A 121 -3.28 19.19 16.40
N SER B 4 -5.37 -29.23 -8.99
CA SER B 4 -3.98 -29.65 -9.00
C SER B 4 -3.23 -29.16 -7.75
N MET B 5 -3.34 -27.86 -7.46
CA MET B 5 -2.67 -27.28 -6.29
C MET B 5 -3.57 -27.37 -5.07
N LYS B 6 -3.12 -28.08 -4.04
CA LYS B 6 -3.84 -28.25 -2.79
C LYS B 6 -3.13 -27.45 -1.70
N TRP B 7 -3.84 -26.50 -1.09
CA TRP B 7 -3.28 -25.66 -0.05
C TRP B 7 -3.59 -26.26 1.31
N MET B 8 -2.55 -26.71 2.02
CA MET B 8 -2.76 -27.26 3.35
C MET B 8 -3.35 -26.24 4.30
N PHE B 9 -3.02 -24.95 4.11
CA PHE B 9 -3.54 -23.92 5.01
C PHE B 9 -5.06 -23.82 4.92
N LYS B 10 -5.61 -23.82 3.70
CA LYS B 10 -7.06 -23.81 3.54
C LYS B 10 -7.66 -25.11 4.04
N GLU B 11 -6.90 -26.20 3.95
CA GLU B 11 -7.34 -27.53 4.33
C GLU B 11 -7.39 -27.69 5.83
N ASP B 12 -6.55 -26.93 6.56
CA ASP B 12 -6.48 -26.95 8.01
C ASP B 12 -7.40 -25.92 8.67
N HIS B 13 -7.91 -24.95 7.91
CA HIS B 13 -8.61 -23.80 8.48
C HIS B 13 -9.80 -23.42 7.62
N SER B 14 -10.94 -23.18 8.26
CA SER B 14 -12.14 -22.81 7.55
C SER B 14 -11.97 -21.46 6.86
N LEU B 15 -12.76 -21.26 5.79
CA LEU B 15 -12.81 -19.97 5.13
C LEU B 15 -13.04 -18.84 6.11
N GLU B 16 -13.98 -19.02 7.05
CA GLU B 16 -14.30 -17.93 7.97
C GLU B 16 -13.17 -17.69 8.95
N HIS B 17 -12.56 -18.76 9.48
CA HIS B 17 -11.36 -18.60 10.28
C HIS B 17 -10.33 -17.77 9.55
N ARG B 18 -10.04 -18.13 8.29
CA ARG B 18 -9.00 -17.43 7.55
C ARG B 18 -9.38 -15.97 7.31
N CYS B 19 -10.65 -15.71 6.98
CA CYS B 19 -11.10 -14.34 6.79
C CYS B 19 -10.88 -13.51 8.05
N VAL B 20 -11.25 -14.05 9.21
CA VAL B 20 -11.14 -13.29 10.45
C VAL B 20 -9.67 -12.99 10.75
N GLU B 21 -8.82 -14.02 10.68
CA GLU B 21 -7.42 -13.83 11.06
C GLU B 21 -6.69 -12.90 10.11
N SER B 22 -6.95 -13.01 8.81
CA SER B 22 -6.31 -12.10 7.87
C SER B 22 -6.73 -10.66 8.13
N ALA B 23 -8.01 -10.44 8.39
CA ALA B 23 -8.48 -9.08 8.65
C ALA B 23 -7.86 -8.52 9.92
N LYS B 24 -7.77 -9.33 10.97
CA LYS B 24 -7.13 -8.88 12.21
C LYS B 24 -5.70 -8.43 11.95
N ILE B 25 -4.94 -9.23 11.20
CA ILE B 25 -3.54 -8.90 10.92
C ILE B 25 -3.47 -7.61 10.12
N ARG B 26 -4.32 -7.48 9.10
CA ARG B 26 -4.30 -6.28 8.25
C ARG B 26 -4.71 -5.05 9.03
N ALA B 27 -5.63 -5.19 9.98
CA ALA B 27 -6.02 -4.06 10.82
C ALA B 27 -4.89 -3.66 11.76
N LYS B 28 -4.20 -4.63 12.35
CA LYS B 28 -3.14 -4.29 13.28
C LYS B 28 -1.88 -3.78 12.57
N TYR B 29 -1.60 -4.28 11.37
CA TYR B 29 -0.39 -3.93 10.63
C TYR B 29 -0.77 -3.58 9.19
N PRO B 30 -1.38 -2.42 8.97
CA PRO B 30 -1.88 -2.09 7.62
C PRO B 30 -0.78 -1.90 6.59
N ASP B 31 0.46 -1.78 7.02
CA ASP B 31 1.60 -1.57 6.15
C ASP B 31 2.21 -2.86 5.63
N ARG B 32 1.70 -4.01 6.07
CA ARG B 32 2.26 -5.30 5.74
C ARG B 32 1.19 -6.20 5.13
N VAL B 33 1.64 -7.23 4.42
CA VAL B 33 0.76 -8.14 3.70
C VAL B 33 0.96 -9.54 4.24
N PRO B 34 -0.11 -10.25 4.61
CA PRO B 34 0.04 -11.64 5.08
C PRO B 34 0.10 -12.65 3.97
N VAL B 35 1.13 -13.49 3.94
CA VAL B 35 1.39 -14.39 2.82
C VAL B 35 1.44 -15.82 3.31
N ILE B 36 0.78 -16.71 2.58
CA ILE B 36 0.86 -18.16 2.78
C ILE B 36 1.73 -18.74 1.67
N VAL B 37 2.76 -19.50 2.05
CA VAL B 37 3.72 -20.06 1.10
C VAL B 37 3.71 -21.58 1.23
N GLU B 38 3.49 -22.27 0.11
CA GLU B 38 3.53 -23.72 0.06
C GLU B 38 4.16 -24.16 -1.27
N LYS B 39 4.83 -25.31 -1.24
CA LYS B 39 5.45 -25.80 -2.46
C LYS B 39 4.38 -26.32 -3.41
N VAL B 40 4.63 -26.15 -4.71
CA VAL B 40 3.69 -26.63 -5.72
C VAL B 40 3.52 -28.13 -5.57
N SER B 41 2.26 -28.57 -5.47
CA SER B 41 1.97 -29.97 -5.20
C SER B 41 2.60 -30.87 -6.25
N GLY B 42 3.31 -31.90 -5.79
CA GLY B 42 3.99 -32.82 -6.67
C GLY B 42 5.34 -32.34 -7.16
N SER B 43 5.71 -31.09 -6.87
CA SER B 43 7.02 -30.61 -7.27
C SER B 43 8.11 -31.32 -6.48
N GLN B 44 9.34 -31.27 -7.01
CA GLN B 44 10.47 -31.99 -6.46
C GLN B 44 11.34 -31.15 -5.54
N ILE B 45 11.05 -29.84 -5.41
CA ILE B 45 11.87 -29.00 -4.55
C ILE B 45 11.60 -29.31 -3.09
N VAL B 46 12.58 -29.01 -2.24
CA VAL B 46 12.43 -29.30 -0.81
C VAL B 46 11.25 -28.51 -0.25
N ASP B 47 10.61 -29.08 0.78
CA ASP B 47 9.51 -28.42 1.47
C ASP B 47 10.04 -27.32 2.38
N ILE B 48 9.18 -26.36 2.67
CA ILE B 48 9.56 -25.18 3.46
C ILE B 48 9.11 -25.37 4.90
N ASP B 49 9.92 -24.89 5.83
CA ASP B 49 9.59 -25.05 7.25
C ASP B 49 8.64 -23.98 7.75
N LYS B 50 8.66 -22.80 7.15
CA LYS B 50 7.83 -21.67 7.57
C LYS B 50 6.78 -21.43 6.49
N ARG B 51 5.51 -21.55 6.86
CA ARG B 51 4.42 -21.37 5.90
CA ARG B 51 4.41 -21.38 5.91
C ARG B 51 3.84 -19.97 5.87
N LYS B 52 3.94 -19.22 6.97
CA LYS B 52 3.28 -17.93 7.09
C LYS B 52 4.30 -16.81 7.21
N TYR B 53 4.04 -15.72 6.48
CA TYR B 53 4.91 -14.55 6.46
C TYR B 53 4.06 -13.29 6.54
N LEU B 54 4.51 -12.33 7.33
CA LEU B 54 3.92 -10.99 7.34
C LEU B 54 5.04 -10.05 6.90
N VAL B 55 4.97 -9.60 5.64
CA VAL B 55 6.11 -8.89 5.06
C VAL B 55 5.73 -7.45 4.73
N PRO B 56 6.64 -6.50 4.89
CA PRO B 56 6.35 -5.11 4.52
C PRO B 56 5.87 -5.04 3.08
N SER B 57 4.89 -4.18 2.83
CA SER B 57 4.44 -3.98 1.48
C SER B 57 5.49 -3.30 0.60
N ASP B 58 6.58 -2.81 1.19
CA ASP B 58 7.59 -2.11 0.40
C ASP B 58 8.58 -3.04 -0.28
N ILE B 59 8.70 -4.28 0.19
CA ILE B 59 9.67 -5.20 -0.41
C ILE B 59 9.14 -5.68 -1.76
N THR B 60 10.07 -6.01 -2.65
CA THR B 60 9.73 -6.49 -3.97
C THR B 60 9.52 -8.00 -3.97
N VAL B 61 8.89 -8.48 -5.04
CA VAL B 61 8.76 -9.93 -5.23
C VAL B 61 10.14 -10.58 -5.25
N ALA B 62 11.08 -9.99 -5.99
CA ALA B 62 12.43 -10.53 -6.01
C ALA B 62 13.00 -10.66 -4.60
N GLN B 63 12.76 -9.68 -3.75
CA GLN B 63 13.23 -9.76 -2.36
C GLN B 63 12.52 -10.88 -1.61
N PHE B 64 11.21 -11.02 -1.79
CA PHE B 64 10.51 -12.14 -1.16
C PHE B 64 11.04 -13.47 -1.66
N MET B 65 11.35 -13.55 -2.95
CA MET B 65 11.95 -14.77 -3.50
C MET B 65 13.26 -15.10 -2.79
N TRP B 66 14.08 -14.09 -2.53
CA TRP B 66 15.31 -14.32 -1.79
C TRP B 66 15.02 -14.88 -0.40
N ILE B 67 14.01 -14.34 0.27
CA ILE B 67 13.64 -14.83 1.59
C ILE B 67 13.28 -16.31 1.54
N ILE B 68 12.52 -16.73 0.52
CA ILE B 68 12.12 -18.12 0.42
C ILE B 68 13.31 -19.00 0.08
N ARG B 69 14.12 -18.57 -0.90
CA ARG B 69 15.34 -19.29 -1.25
C ARG B 69 16.18 -19.58 0.00
N LYS B 70 16.42 -18.56 0.82
CA LYS B 70 17.22 -18.76 2.02
C LYS B 70 16.51 -19.69 2.99
N ARG B 71 15.19 -19.56 3.10
CA ARG B 71 14.44 -20.41 4.02
C ARG B 71 14.60 -21.89 3.69
N ILE B 72 14.53 -22.24 2.40
CA ILE B 72 14.72 -23.63 2.00
C ILE B 72 16.18 -23.95 1.71
N GLN B 73 17.08 -22.99 1.85
CA GLN B 73 18.52 -23.21 1.66
C GLN B 73 18.82 -23.75 0.26
N LEU B 74 18.23 -23.09 -0.74
CA LEU B 74 18.42 -23.50 -2.13
C LEU B 74 19.76 -22.96 -2.64
N PRO B 75 20.65 -23.82 -3.16
CA PRO B 75 21.91 -23.32 -3.72
C PRO B 75 21.68 -22.33 -4.85
N SER B 76 22.60 -21.36 -4.94
CA SER B 76 22.51 -20.34 -5.99
C SER B 76 22.43 -20.96 -7.38
N GLU B 77 23.03 -22.14 -7.58
CA GLU B 77 23.00 -22.75 -8.91
C GLU B 77 21.62 -23.25 -9.30
N LYS B 78 20.70 -23.37 -8.36
CA LYS B 78 19.38 -23.93 -8.64
C LYS B 78 18.33 -22.82 -8.67
N ALA B 79 17.40 -22.95 -9.60
CA ALA B 79 16.39 -21.93 -9.85
C ALA B 79 15.20 -22.08 -8.91
N ILE B 80 14.48 -20.99 -8.72
CA ILE B 80 13.22 -21.00 -7.98
C ILE B 80 12.22 -20.14 -8.74
N PHE B 81 10.96 -20.56 -8.72
CA PHE B 81 9.87 -19.82 -9.35
C PHE B 81 8.74 -19.67 -8.34
N LEU B 82 8.18 -18.47 -8.25
CA LEU B 82 7.00 -18.21 -7.45
C LEU B 82 5.76 -18.22 -8.33
N PHE B 83 4.63 -18.61 -7.75
CA PHE B 83 3.37 -18.74 -8.48
C PHE B 83 2.24 -18.13 -7.67
N VAL B 84 1.53 -17.20 -8.27
CA VAL B 84 0.30 -16.65 -7.70
C VAL B 84 -0.81 -16.94 -8.70
N ASP B 85 -1.76 -17.78 -8.30
CA ASP B 85 -2.85 -18.20 -9.17
C ASP B 85 -2.31 -18.68 -10.52
N LYS B 86 -1.31 -19.56 -10.46
CA LYS B 86 -0.76 -20.25 -11.62
C LYS B 86 0.09 -19.36 -12.52
N THR B 87 0.31 -18.09 -12.16
CA THR B 87 1.14 -17.20 -12.95
C THR B 87 2.35 -16.76 -12.14
N VAL B 88 3.51 -16.72 -12.79
CA VAL B 88 4.72 -16.19 -12.16
C VAL B 88 4.58 -14.67 -12.11
N PRO B 89 4.66 -14.05 -10.95
CA PRO B 89 4.52 -12.59 -10.87
C PRO B 89 5.81 -11.88 -11.26
N GLN B 90 5.68 -10.62 -11.68
CA GLN B 90 6.86 -9.86 -12.06
C GLN B 90 7.69 -9.54 -10.82
N SER B 91 8.98 -9.82 -10.91
CA SER B 91 9.91 -9.63 -9.79
C SER B 91 9.99 -8.17 -9.37
N SER B 92 9.57 -7.23 -10.22
CA SER B 92 9.70 -5.81 -9.93
C SER B 92 8.59 -5.28 -9.04
N LEU B 93 7.44 -5.95 -9.02
CA LEU B 93 6.28 -5.54 -8.24
C LEU B 93 6.59 -5.52 -6.74
N THR B 94 5.93 -4.62 -6.02
CA THR B 94 5.96 -4.69 -4.55
C THR B 94 5.02 -5.78 -4.07
N MET B 95 5.29 -6.30 -2.87
CA MET B 95 4.38 -7.29 -2.30
C MET B 95 3.01 -6.70 -2.05
N GLY B 96 2.93 -5.39 -1.80
CA GLY B 96 1.64 -4.74 -1.67
C GLY B 96 0.88 -4.67 -2.98
N GLN B 97 1.58 -4.38 -4.08
CA GLN B 97 0.93 -4.38 -5.39
C GLN B 97 0.44 -5.77 -5.76
N LEU B 98 1.25 -6.79 -5.47
CA LEU B 98 0.82 -8.17 -5.71
C LEU B 98 -0.39 -8.51 -4.85
N TYR B 99 -0.36 -8.13 -3.57
CA TYR B 99 -1.50 -8.37 -2.70
C TYR B 99 -2.79 -7.85 -3.30
N GLU B 100 -2.77 -6.62 -3.81
CA GLU B 100 -4.01 -6.04 -4.31
C GLU B 100 -4.48 -6.72 -5.60
N LYS B 101 -3.57 -7.33 -6.37
CA LYS B 101 -4.02 -8.04 -7.57
C LYS B 101 -4.30 -9.51 -7.34
N GLU B 102 -3.63 -10.17 -6.40
CA GLU B 102 -3.79 -11.61 -6.28
C GLU B 102 -4.31 -12.07 -4.93
N LYS B 103 -4.69 -11.17 -4.03
CA LYS B 103 -5.13 -11.61 -2.72
C LYS B 103 -6.37 -12.48 -2.84
N ASP B 104 -6.45 -13.49 -1.99
CA ASP B 104 -7.53 -14.44 -1.95
C ASP B 104 -8.81 -13.76 -1.46
N GLU B 105 -9.94 -14.45 -1.68
CA GLU B 105 -11.18 -14.00 -1.05
C GLU B 105 -11.00 -13.89 0.46
N ASP B 106 -10.12 -14.69 1.05
CA ASP B 106 -9.99 -14.75 2.49
C ASP B 106 -9.03 -13.71 3.05
N GLY B 107 -8.48 -12.82 2.23
CA GLY B 107 -7.61 -11.77 2.69
C GLY B 107 -6.14 -12.12 2.76
N PHE B 108 -5.79 -13.38 2.60
CA PHE B 108 -4.39 -13.78 2.52
C PHE B 108 -3.92 -13.75 1.07
N LEU B 109 -2.61 -13.63 0.90
CA LEU B 109 -1.95 -13.81 -0.39
C LEU B 109 -1.28 -15.18 -0.39
N TYR B 110 -1.67 -16.01 -1.35
CA TYR B 110 -1.13 -17.37 -1.46
C TYR B 110 -0.07 -17.41 -2.54
N VAL B 111 1.14 -17.82 -2.16
CA VAL B 111 2.29 -17.88 -3.06
C VAL B 111 2.83 -19.31 -3.04
N ALA B 112 2.84 -19.96 -4.20
CA ALA B 112 3.43 -21.28 -4.34
C ALA B 112 4.82 -21.16 -4.96
N TYR B 113 5.67 -22.14 -4.67
CA TYR B 113 7.03 -22.12 -5.19
C TYR B 113 7.42 -23.50 -5.71
N SER B 114 8.34 -23.50 -6.67
CA SER B 114 8.80 -24.72 -7.31
C SER B 114 10.20 -24.51 -7.85
N GLY B 115 10.91 -25.62 -8.08
CA GLY B 115 12.15 -25.56 -8.81
C GLY B 115 11.99 -25.53 -10.31
N GLU B 116 10.75 -25.64 -10.79
CA GLU B 116 10.42 -25.64 -12.21
C GLU B 116 9.23 -24.71 -12.44
N ASN B 117 9.07 -24.23 -13.67
CA ASN B 117 7.93 -23.42 -14.04
C ASN B 117 7.03 -24.12 -15.05
N THR B 118 6.97 -25.46 -15.01
CA THR B 118 6.05 -26.20 -15.83
C THR B 118 4.62 -26.19 -15.28
N PHE B 119 4.44 -25.77 -14.02
CA PHE B 119 3.13 -25.85 -13.39
C PHE B 119 2.13 -24.91 -14.04
N GLY B 120 2.51 -23.66 -14.26
CA GLY B 120 1.58 -22.67 -14.75
C GLY B 120 2.16 -21.85 -15.89
N PHE B 121 1.80 -20.58 -15.89
CA PHE B 121 2.20 -19.66 -16.94
C PHE B 121 3.52 -18.98 -16.58
C1 EDO C . -0.09 -23.10 10.13
O1 EDO C . -1.37 -22.78 10.65
C2 EDO C . -0.27 -23.45 8.65
O2 EDO C . -1.40 -24.32 8.54
H11 EDO C . 0.33 -23.96 10.67
H12 EDO C . 0.61 -22.27 10.25
HO1 EDO C . -1.67 -23.47 11.26
H21 EDO C . 0.63 -23.94 8.26
H22 EDO C . -0.42 -22.54 8.07
HO2 EDO C . -1.81 -24.20 7.67
#